data_6N7C
#
_entry.id   6N7C
#
_cell.length_a   43.030
_cell.length_b   90.040
_cell.length_c   174.310
_cell.angle_alpha   90.00
_cell.angle_beta   90.00
_cell.angle_gamma   90.00
#
_symmetry.space_group_name_H-M   'P 21 21 21'
#
loop_
_entity.id
_entity.type
_entity.pdbx_description
1 polymer 'Tyrosine-protein kinase JAK1'
2 non-polymer N-[5-(3-methoxynaphthalen-2-yl)-1H-pyrazol-4-yl]pyrazolo[1,5-a]pyrimidine-3-carboxamide
3 non-polymer GLYCEROL
4 water water
#
_entity_poly.entity_id   1
_entity_poly.type   'polypeptide(L)'
_entity_poly.pdbx_seq_one_letter_code
;GDIVSEKKPATEVDPTHFEKRFLKRIRDLGEGHFGKVELCRYDPEGDNTGEQVAVKSLKPESGGNHIADLKKEIEILRNL
YHENIVKYKGICTEDGGNGIKLIMEFLPSGSLKEYLPKNKNKINLKQQLKYAVQICKGMDYLGSRQYVHRDLAARNVLVE
SEHQVKIGDFGLTKAIETDKE(PTR)(PTR)TVKDDRDSPVFWYAPECLMQSKFYIASDVWSFGVTLHELLTYCDSDSSP
MALFLKMIGPTHGQMTVTRLVNTLKEGKRLPCPPNCPDEVYQLMRKCWEFQPSNRTSFQNLIEGFEALLK
;
_entity_poly.pdbx_strand_id   A,B
#
loop_
_chem_comp.id
_chem_comp.type
_chem_comp.name
_chem_comp.formula
GOL non-polymer GLYCEROL 'C3 H8 O3'
KF1 non-polymer N-[5-(3-methoxynaphthalen-2-yl)-1H-pyrazol-4-yl]pyrazolo[1,5-a]pyrimidine-3-carboxamide 'C21 H16 N6 O2'
#
# COMPACT_ATOMS: atom_id res chain seq x y z
N VAL A 13 42.23 -17.49 -23.99
CA VAL A 13 40.80 -17.77 -23.77
C VAL A 13 40.40 -17.49 -22.30
N ASP A 14 39.39 -16.61 -22.10
CA ASP A 14 38.88 -16.24 -20.78
C ASP A 14 37.78 -17.27 -20.40
N PRO A 15 37.98 -18.11 -19.34
CA PRO A 15 36.96 -19.11 -19.00
C PRO A 15 35.66 -18.53 -18.42
N THR A 16 35.66 -17.22 -18.08
CA THR A 16 34.45 -16.57 -17.54
C THR A 16 33.68 -15.83 -18.64
N HIS A 17 34.15 -15.91 -19.90
CA HIS A 17 33.46 -15.25 -21.00
C HIS A 17 32.73 -16.35 -21.75
N PHE A 18 31.39 -16.28 -21.75
CA PHE A 18 30.52 -17.26 -22.41
C PHE A 18 30.01 -16.62 -23.72
N GLU A 19 30.37 -17.22 -24.85
CA GLU A 19 30.00 -16.75 -26.18
C GLU A 19 28.53 -17.07 -26.43
N LYS A 20 27.75 -16.07 -26.86
CA LYS A 20 26.32 -16.22 -27.16
C LYS A 20 26.01 -17.40 -28.11
N ARG A 21 26.86 -17.61 -29.13
CA ARG A 21 26.65 -18.67 -30.14
C ARG A 21 26.68 -20.10 -29.58
N PHE A 22 27.34 -20.30 -28.42
CA PHE A 22 27.43 -21.62 -27.78
C PHE A 22 26.51 -21.75 -26.57
N LEU A 23 25.83 -20.66 -26.18
CA LEU A 23 24.96 -20.73 -24.99
C LEU A 23 23.54 -21.09 -25.40
N LYS A 24 23.20 -22.37 -25.24
CA LYS A 24 21.92 -22.86 -25.73
C LYS A 24 20.87 -23.02 -24.67
N ARG A 25 19.76 -22.27 -24.83
CA ARG A 25 18.62 -22.32 -23.89
C ARG A 25 17.94 -23.69 -23.88
N ILE A 26 17.68 -24.23 -22.68
CA ILE A 26 16.97 -25.50 -22.52
C ILE A 26 15.53 -25.19 -22.07
N ARG A 27 15.37 -24.51 -20.93
CA ARG A 27 14.03 -24.20 -20.42
C ARG A 27 14.13 -23.14 -19.34
N ASP A 28 12.98 -22.59 -18.94
CA ASP A 28 12.93 -21.62 -17.86
C ASP A 28 13.04 -22.35 -16.53
N LEU A 29 13.68 -21.72 -15.54
CA LEU A 29 13.72 -22.27 -14.19
C LEU A 29 12.74 -21.47 -13.32
N GLY A 30 12.72 -20.16 -13.52
CA GLY A 30 11.84 -19.27 -12.78
C GLY A 30 11.75 -17.89 -13.41
N GLU A 31 10.67 -17.17 -13.13
CA GLU A 31 10.50 -15.83 -13.69
C GLU A 31 9.98 -14.86 -12.64
N GLY A 32 10.56 -13.67 -12.63
CA GLY A 32 10.15 -12.57 -11.75
C GLY A 32 9.46 -11.50 -12.57
N HIS A 33 9.25 -10.31 -11.98
CA HIS A 33 8.59 -9.21 -12.67
C HIS A 33 9.47 -8.58 -13.77
N PHE A 34 10.79 -8.45 -13.51
CA PHE A 34 11.75 -7.80 -14.39
C PHE A 34 12.76 -8.71 -15.10
N GLY A 35 13.03 -9.88 -14.50
CA GLY A 35 14.00 -10.81 -15.04
C GLY A 35 13.60 -12.27 -14.92
N LYS A 36 14.51 -13.16 -15.36
CA LYS A 36 14.27 -14.60 -15.31
C LYS A 36 15.55 -15.38 -15.18
N VAL A 37 15.44 -16.63 -14.75
CA VAL A 37 16.60 -17.54 -14.69
C VAL A 37 16.24 -18.68 -15.62
N GLU A 38 17.16 -19.04 -16.54
CA GLU A 38 16.96 -20.16 -17.47
C GLU A 38 18.07 -21.21 -17.31
N LEU A 39 17.70 -22.47 -17.60
CA LEU A 39 18.67 -23.56 -17.69
C LEU A 39 19.20 -23.53 -19.13
N CYS A 40 20.52 -23.41 -19.29
CA CYS A 40 21.22 -23.43 -20.59
C CYS A 40 22.31 -24.46 -20.56
N ARG A 41 22.76 -24.91 -21.76
CA ARG A 41 23.94 -25.78 -21.84
C ARG A 41 24.98 -24.96 -22.64
N TYR A 42 26.21 -24.76 -22.08
CA TYR A 42 27.26 -24.03 -22.83
C TYR A 42 27.93 -25.13 -23.62
N ASP A 43 27.63 -25.19 -24.92
CA ASP A 43 28.06 -26.32 -25.73
C ASP A 43 28.97 -25.97 -26.91
N PRO A 44 30.25 -25.58 -26.67
CA PRO A 44 31.14 -25.22 -27.80
C PRO A 44 31.42 -26.35 -28.79
N GLU A 45 31.36 -27.62 -28.33
CA GLU A 45 31.59 -28.80 -29.17
C GLU A 45 30.37 -29.26 -29.98
N GLY A 46 29.19 -28.71 -29.65
CA GLY A 46 27.93 -28.96 -30.35
C GLY A 46 27.39 -30.39 -30.35
N ASP A 47 27.78 -31.20 -29.36
CA ASP A 47 27.36 -32.59 -29.24
C ASP A 47 26.57 -32.86 -27.94
N ASN A 48 26.05 -31.78 -27.28
CA ASN A 48 25.29 -31.82 -26.02
C ASN A 48 26.08 -32.43 -24.84
N THR A 49 27.40 -32.20 -24.80
CA THR A 49 28.26 -32.67 -23.71
C THR A 49 28.76 -31.52 -22.84
N GLY A 50 28.47 -30.28 -23.26
CA GLY A 50 28.84 -29.08 -22.53
C GLY A 50 28.22 -29.01 -21.15
N GLU A 51 28.72 -28.13 -20.29
CA GLU A 51 28.16 -28.06 -18.93
C GLU A 51 26.83 -27.30 -18.88
N GLN A 52 25.91 -27.76 -18.01
CA GLN A 52 24.64 -27.06 -17.80
C GLN A 52 24.96 -25.91 -16.86
N VAL A 53 24.35 -24.75 -17.11
CA VAL A 53 24.58 -23.55 -16.32
C VAL A 53 23.26 -22.82 -16.11
N ALA A 54 23.14 -22.04 -15.05
CA ALA A 54 21.95 -21.23 -14.80
C ALA A 54 22.28 -19.84 -15.30
N VAL A 55 21.38 -19.24 -16.09
CA VAL A 55 21.58 -17.94 -16.72
C VAL A 55 20.50 -16.95 -16.30
N LYS A 56 20.93 -15.85 -15.67
CA LYS A 56 20.02 -14.81 -15.20
C LYS A 56 20.09 -13.67 -16.20
N SER A 57 18.92 -13.20 -16.64
CA SER A 57 18.86 -12.11 -17.61
C SER A 57 17.64 -11.26 -17.32
N LEU A 58 17.58 -10.09 -17.93
CA LEU A 58 16.43 -9.21 -17.79
C LEU A 58 15.49 -9.38 -18.98
N LYS A 59 14.18 -9.15 -18.74
CA LYS A 59 13.16 -9.17 -19.79
C LYS A 59 13.41 -7.93 -20.69
N PRO A 60 13.14 -7.99 -22.03
CA PRO A 60 13.38 -6.80 -22.87
C PRO A 60 12.29 -5.75 -22.71
N HIS A 66 17.21 -1.06 -14.18
CA HIS A 66 17.32 -2.51 -14.01
C HIS A 66 18.61 -3.10 -14.62
N ILE A 67 19.07 -2.61 -15.80
CA ILE A 67 20.31 -3.08 -16.46
C ILE A 67 21.53 -2.73 -15.59
N ALA A 68 21.57 -1.48 -15.09
CA ALA A 68 22.65 -1.00 -14.21
C ALA A 68 22.69 -1.86 -12.93
N ASP A 69 21.50 -2.16 -12.34
CA ASP A 69 21.39 -3.02 -11.14
C ASP A 69 21.94 -4.44 -11.39
N LEU A 70 21.65 -5.04 -12.57
CA LEU A 70 22.17 -6.38 -12.87
C LEU A 70 23.71 -6.34 -12.97
N LYS A 71 24.27 -5.27 -13.56
CA LYS A 71 25.72 -5.17 -13.66
C LYS A 71 26.37 -5.06 -12.24
N LYS A 72 25.70 -4.36 -11.29
CA LYS A 72 26.17 -4.22 -9.90
C LYS A 72 26.08 -5.57 -9.18
N GLU A 73 24.99 -6.34 -9.43
CA GLU A 73 24.76 -7.70 -8.91
C GLU A 73 25.87 -8.66 -9.37
N ILE A 74 26.20 -8.64 -10.68
CA ILE A 74 27.24 -9.48 -11.28
C ILE A 74 28.59 -9.19 -10.62
N GLU A 75 28.93 -7.89 -10.40
CA GLU A 75 30.21 -7.56 -9.81
C GLU A 75 30.27 -7.96 -8.33
N ILE A 76 29.09 -8.02 -7.63
CA ILE A 76 29.03 -8.47 -6.24
C ILE A 76 29.33 -9.98 -6.19
N LEU A 77 28.61 -10.76 -7.00
CA LEU A 77 28.75 -12.22 -6.98
C LEU A 77 30.11 -12.69 -7.45
N ARG A 78 30.71 -11.97 -8.43
CA ARG A 78 32.02 -12.30 -9.00
C ARG A 78 33.08 -12.36 -7.89
N ASN A 79 32.88 -11.54 -6.85
CA ASN A 79 33.84 -11.43 -5.75
C ASN A 79 33.43 -12.14 -4.45
N LEU A 80 32.36 -12.99 -4.48
CA LEU A 80 31.97 -13.73 -3.27
C LEU A 80 32.40 -15.18 -3.49
N TYR A 81 33.12 -15.77 -2.52
CA TYR A 81 33.57 -17.17 -2.55
C TYR A 81 33.29 -17.82 -1.22
N HIS A 82 32.24 -18.66 -1.16
CA HIS A 82 31.87 -19.36 0.08
C HIS A 82 31.11 -20.62 -0.30
N GLU A 83 31.32 -21.74 0.43
CA GLU A 83 30.65 -23.01 0.13
C GLU A 83 29.10 -22.94 0.17
N ASN A 84 28.52 -21.98 0.90
CA ASN A 84 27.08 -21.77 0.97
C ASN A 84 26.58 -20.54 0.18
N ILE A 85 27.34 -20.13 -0.87
CA ILE A 85 26.96 -19.06 -1.79
C ILE A 85 27.09 -19.64 -3.21
N VAL A 86 26.05 -19.53 -4.03
CA VAL A 86 26.05 -20.04 -5.42
C VAL A 86 27.30 -19.53 -6.19
N LYS A 87 27.91 -20.42 -6.96
CA LYS A 87 29.14 -20.11 -7.67
C LYS A 87 28.92 -19.29 -8.92
N TYR A 88 29.61 -18.16 -8.99
CA TYR A 88 29.67 -17.33 -10.20
C TYR A 88 30.51 -18.16 -11.20
N LYS A 89 30.08 -18.19 -12.49
CA LYS A 89 30.79 -18.82 -13.62
C LYS A 89 31.30 -17.76 -14.61
N GLY A 90 30.47 -16.78 -14.93
CA GLY A 90 30.89 -15.71 -15.82
C GLY A 90 29.77 -14.89 -16.38
N ILE A 91 30.01 -14.30 -17.54
CA ILE A 91 29.05 -13.44 -18.25
C ILE A 91 28.88 -13.77 -19.72
N CYS A 92 27.74 -13.35 -20.29
CA CYS A 92 27.48 -13.37 -21.73
C CYS A 92 27.08 -11.93 -22.08
N THR A 93 27.94 -11.20 -22.82
CA THR A 93 27.66 -9.80 -23.18
C THR A 93 27.03 -9.70 -24.56
N GLY A 99 23.60 -4.82 -23.00
CA GLY A 99 22.97 -6.06 -22.57
C GLY A 99 23.97 -7.02 -21.97
N ILE A 100 23.55 -7.76 -20.90
CA ILE A 100 24.44 -8.72 -20.22
C ILE A 100 23.63 -9.83 -19.57
N LYS A 101 24.24 -11.00 -19.43
CA LYS A 101 23.64 -12.17 -18.79
C LYS A 101 24.62 -12.67 -17.75
N LEU A 102 24.11 -13.03 -16.55
CA LEU A 102 24.93 -13.56 -15.46
C LEU A 102 24.89 -15.09 -15.57
N ILE A 103 26.06 -15.75 -15.61
CA ILE A 103 26.16 -17.21 -15.73
C ILE A 103 26.61 -17.80 -14.37
N MET A 104 25.85 -18.78 -13.84
CA MET A 104 26.15 -19.40 -12.54
C MET A 104 26.08 -20.91 -12.66
N GLU A 105 26.59 -21.61 -11.64
CA GLU A 105 26.46 -23.06 -11.61
C GLU A 105 24.98 -23.42 -11.56
N PHE A 106 24.61 -24.61 -12.10
CA PHE A 106 23.21 -25.01 -12.04
C PHE A 106 22.96 -26.00 -10.93
N LEU A 107 21.97 -25.73 -10.07
CA LEU A 107 21.60 -26.63 -8.96
C LEU A 107 20.23 -27.27 -9.32
N PRO A 108 20.20 -28.55 -9.82
CA PRO A 108 18.94 -29.14 -10.31
C PRO A 108 17.76 -29.26 -9.34
N SER A 109 18.03 -29.27 -8.03
CA SER A 109 16.96 -29.39 -7.03
C SER A 109 16.16 -28.12 -6.80
N GLY A 110 16.60 -27.00 -7.38
CA GLY A 110 15.88 -25.73 -7.30
C GLY A 110 15.95 -25.09 -5.93
N SER A 111 14.97 -24.25 -5.60
CA SER A 111 14.93 -23.57 -4.30
C SER A 111 14.30 -24.42 -3.19
N LEU A 112 14.51 -23.99 -1.90
CA LEU A 112 13.84 -24.65 -0.77
C LEU A 112 12.34 -24.64 -0.93
N LYS A 113 11.78 -23.54 -1.50
CA LYS A 113 10.34 -23.41 -1.75
C LYS A 113 9.78 -24.53 -2.63
N GLU A 114 10.57 -25.03 -3.60
CA GLU A 114 10.14 -26.10 -4.49
C GLU A 114 10.51 -27.49 -3.96
N TYR A 115 11.72 -27.60 -3.37
CA TYR A 115 12.28 -28.86 -2.89
C TYR A 115 11.60 -29.41 -1.62
N LEU A 116 11.48 -28.59 -0.55
CA LEU A 116 10.93 -29.03 0.74
C LEU A 116 9.53 -29.69 0.66
N PRO A 117 8.49 -29.16 -0.04
CA PRO A 117 7.18 -29.84 -0.04
C PRO A 117 7.22 -31.28 -0.59
N LYS A 118 8.18 -31.55 -1.51
CA LYS A 118 8.36 -32.85 -2.17
C LYS A 118 9.30 -33.78 -1.43
N ASN A 119 9.99 -33.31 -0.37
CA ASN A 119 10.98 -34.15 0.31
C ASN A 119 10.84 -34.22 1.83
N LYS A 120 9.61 -34.07 2.37
CA LYS A 120 9.38 -34.14 3.82
C LYS A 120 9.96 -35.40 4.48
N ASN A 121 9.77 -36.57 3.84
CA ASN A 121 10.22 -37.84 4.39
C ASN A 121 11.75 -37.93 4.54
N LYS A 122 12.47 -37.18 3.71
CA LYS A 122 13.92 -37.17 3.63
C LYS A 122 14.58 -36.13 4.54
N ILE A 123 13.89 -35.01 4.78
CA ILE A 123 14.41 -33.88 5.53
C ILE A 123 13.77 -33.81 6.90
N ASN A 124 14.44 -34.34 7.91
CA ASN A 124 13.93 -34.32 9.28
C ASN A 124 14.45 -33.08 10.01
N LEU A 125 14.12 -32.95 11.31
CA LEU A 125 14.53 -31.80 12.12
C LEU A 125 16.05 -31.58 12.12
N LYS A 126 16.82 -32.66 12.27
CA LYS A 126 18.29 -32.58 12.24
C LYS A 126 18.79 -31.98 10.91
N GLN A 127 18.20 -32.39 9.78
CA GLN A 127 18.61 -31.79 8.50
C GLN A 127 18.14 -30.32 8.40
N GLN A 128 16.93 -30.01 8.90
CA GLN A 128 16.49 -28.61 8.84
C GLN A 128 17.45 -27.71 9.64
N LEU A 129 17.94 -28.16 10.80
CA LEU A 129 18.87 -27.37 11.60
C LEU A 129 20.24 -27.24 10.93
N LYS A 130 20.69 -28.30 10.18
CA LYS A 130 21.97 -28.20 9.46
C LYS A 130 21.85 -27.18 8.30
N TYR A 131 20.69 -27.15 7.63
CA TYR A 131 20.42 -26.20 6.52
C TYR A 131 20.45 -24.78 7.13
N ALA A 132 19.81 -24.62 8.34
CA ALA A 132 19.77 -23.34 9.08
C ALA A 132 21.17 -22.83 9.37
N VAL A 133 22.09 -23.76 9.81
CA VAL A 133 23.50 -23.42 10.03
C VAL A 133 24.14 -22.93 8.72
N GLN A 134 23.92 -23.66 7.64
CA GLN A 134 24.49 -23.33 6.34
C GLN A 134 24.04 -21.95 5.83
N ILE A 135 22.73 -21.64 5.96
CA ILE A 135 22.22 -20.30 5.59
C ILE A 135 22.92 -19.24 6.43
N CYS A 136 23.05 -19.47 7.75
CA CYS A 136 23.71 -18.51 8.64
C CYS A 136 25.17 -18.27 8.28
N LYS A 137 25.91 -19.35 7.89
CA LYS A 137 27.32 -19.21 7.47
C LYS A 137 27.49 -18.38 6.20
N GLY A 138 26.64 -18.63 5.19
CA GLY A 138 26.69 -17.86 3.96
C GLY A 138 26.39 -16.39 4.26
N MET A 139 25.36 -16.17 5.10
CA MET A 139 24.92 -14.83 5.49
C MET A 139 25.96 -14.11 6.31
N ASP A 140 26.58 -14.79 7.31
CA ASP A 140 27.67 -14.16 8.10
C ASP A 140 28.84 -13.74 7.20
N TYR A 141 29.15 -14.53 6.17
CA TYR A 141 30.19 -14.19 5.22
C TYR A 141 29.84 -12.90 4.44
N LEU A 142 28.58 -12.82 3.94
CA LEU A 142 28.13 -11.64 3.18
C LEU A 142 28.26 -10.38 4.07
N GLY A 143 27.91 -10.51 5.35
CA GLY A 143 28.04 -9.42 6.31
C GLY A 143 29.49 -9.00 6.55
N SER A 144 30.42 -9.99 6.58
CA SER A 144 31.85 -9.70 6.80
C SER A 144 32.43 -8.95 5.60
N ARG A 145 31.80 -9.08 4.41
CA ARG A 145 32.19 -8.37 3.18
C ARG A 145 31.44 -7.04 3.08
N GLN A 146 30.73 -6.61 4.17
CA GLN A 146 29.99 -5.33 4.25
C GLN A 146 28.77 -5.24 3.30
N TYR A 147 28.06 -6.34 3.12
CA TYR A 147 26.85 -6.32 2.33
C TYR A 147 25.62 -6.69 3.15
N VAL A 148 24.48 -6.07 2.81
CA VAL A 148 23.16 -6.37 3.38
C VAL A 148 22.34 -6.99 2.21
N HIS A 149 21.82 -8.20 2.42
CA HIS A 149 21.11 -8.94 1.38
C HIS A 149 19.77 -8.34 0.97
N ARG A 150 18.94 -7.96 1.97
CA ARG A 150 17.59 -7.35 1.79
C ARG A 150 16.47 -8.27 1.25
N ASP A 151 16.77 -9.51 0.84
CA ASP A 151 15.76 -10.38 0.23
C ASP A 151 15.92 -11.86 0.65
N LEU A 152 16.35 -12.11 1.90
CA LEU A 152 16.52 -13.51 2.34
C LEU A 152 15.17 -14.14 2.62
N ALA A 153 14.82 -15.13 1.78
CA ALA A 153 13.60 -15.92 1.84
C ALA A 153 13.89 -17.32 1.24
N ALA A 154 13.07 -18.35 1.56
CA ALA A 154 13.34 -19.69 1.05
C ALA A 154 13.49 -19.76 -0.48
N ARG A 155 12.74 -18.93 -1.21
CA ARG A 155 12.79 -18.89 -2.68
C ARG A 155 14.18 -18.54 -3.24
N ASN A 156 15.04 -17.93 -2.38
CA ASN A 156 16.40 -17.54 -2.75
C ASN A 156 17.48 -18.46 -2.21
N VAL A 157 17.08 -19.55 -1.55
CA VAL A 157 18.02 -20.55 -1.02
C VAL A 157 17.90 -21.76 -1.91
N LEU A 158 19.01 -22.16 -2.56
CA LEU A 158 19.01 -23.27 -3.50
C LEU A 158 19.51 -24.54 -2.85
N VAL A 159 19.02 -25.69 -3.36
CA VAL A 159 19.39 -26.99 -2.83
C VAL A 159 20.42 -27.63 -3.72
N GLU A 160 21.65 -27.80 -3.19
CA GLU A 160 22.76 -28.46 -3.89
C GLU A 160 22.54 -29.99 -3.77
N SER A 161 22.17 -30.44 -2.57
CA SER A 161 21.88 -31.85 -2.26
C SER A 161 21.02 -31.95 -1.01
N GLU A 162 20.65 -33.18 -0.58
CA GLU A 162 19.89 -33.34 0.66
C GLU A 162 20.74 -32.87 1.88
N HIS A 163 22.07 -32.71 1.69
CA HIS A 163 22.98 -32.30 2.76
C HIS A 163 23.51 -30.87 2.61
N GLN A 164 23.12 -30.14 1.54
CA GLN A 164 23.71 -28.81 1.33
C GLN A 164 22.83 -27.79 0.64
N VAL A 165 22.79 -26.56 1.19
CA VAL A 165 22.07 -25.42 0.60
C VAL A 165 23.04 -24.28 0.35
N LYS A 166 22.65 -23.37 -0.57
CA LYS A 166 23.42 -22.18 -0.90
C LYS A 166 22.51 -20.98 -1.12
N ILE A 167 22.97 -19.79 -0.72
CA ILE A 167 22.24 -18.54 -1.01
C ILE A 167 22.41 -18.33 -2.52
N GLY A 168 21.30 -18.27 -3.24
CA GLY A 168 21.28 -18.32 -4.71
C GLY A 168 20.94 -17.09 -5.52
N ASP A 169 20.77 -15.90 -4.86
CA ASP A 169 20.42 -14.68 -5.58
C ASP A 169 20.84 -13.50 -4.77
N PHE A 170 21.27 -12.43 -5.45
CA PHE A 170 21.79 -11.24 -4.82
C PHE A 170 21.20 -9.98 -5.49
N GLY A 171 20.01 -10.12 -6.05
CA GLY A 171 19.33 -9.06 -6.80
C GLY A 171 19.10 -7.73 -6.10
N LEU A 172 18.95 -7.74 -4.77
CA LEU A 172 18.68 -6.55 -3.94
C LEU A 172 19.85 -6.16 -3.00
N THR A 173 20.99 -6.89 -3.08
CA THR A 173 22.17 -6.70 -2.22
C THR A 173 22.84 -5.31 -2.34
N LYS A 174 23.10 -4.67 -1.18
CA LYS A 174 23.71 -3.35 -1.12
C LYS A 174 24.93 -3.37 -0.25
N ALA A 175 25.93 -2.53 -0.56
CA ALA A 175 27.12 -2.41 0.28
C ALA A 175 26.79 -1.35 1.33
N ILE A 176 27.09 -1.63 2.61
CA ILE A 176 26.94 -0.67 3.70
C ILE A 176 28.27 0.08 3.76
N GLU A 177 28.22 1.41 3.73
CA GLU A 177 29.37 2.31 3.79
C GLU A 177 30.23 2.00 5.02
N THR A 178 31.57 2.06 4.86
CA THR A 178 32.48 1.86 5.99
C THR A 178 32.12 2.89 7.09
N ASP A 179 32.05 2.42 8.35
CA ASP A 179 31.73 3.20 9.57
C ASP A 179 30.23 3.52 9.71
N LYS A 180 29.40 3.07 8.75
CA LYS A 180 27.95 3.25 8.82
C LYS A 180 27.32 1.92 9.24
N GLU A 181 26.10 1.97 9.79
CA GLU A 181 25.41 0.78 10.28
C GLU A 181 24.32 0.30 9.32
N PTR A 182 23.87 1.15 8.40
CA PTR A 182 22.79 0.78 7.49
C PTR A 182 22.87 1.44 6.14
O PTR A 182 23.58 2.45 5.99
CB PTR A 182 21.44 1.19 8.13
CG PTR A 182 21.29 2.67 8.36
CD1 PTR A 182 21.67 3.24 9.58
CD2 PTR A 182 20.76 3.50 7.38
CE1 PTR A 182 21.56 4.61 9.79
CE2 PTR A 182 20.65 4.87 7.59
CZ PTR A 182 21.02 5.42 8.80
OH PTR A 182 20.88 6.82 8.97
P PTR A 182 20.98 7.69 10.30
O1P PTR A 182 20.54 9.11 9.96
O2P PTR A 182 20.09 7.02 11.37
O3P PTR A 182 22.41 7.61 10.77
N PTR A 183 22.12 0.88 5.18
CA PTR A 183 21.92 1.42 3.84
C PTR A 183 20.44 1.81 3.69
O PTR A 183 19.54 1.01 4.00
CB PTR A 183 22.36 0.46 2.72
CG PTR A 183 22.41 1.11 1.36
CD1 PTR A 183 21.29 1.16 0.54
CD2 PTR A 183 23.57 1.72 0.90
CE1 PTR A 183 21.30 1.82 -0.68
CE2 PTR A 183 23.61 2.39 -0.32
CZ PTR A 183 22.48 2.41 -1.11
OH PTR A 183 22.54 3.14 -2.33
P PTR A 183 22.04 2.67 -3.76
O1P PTR A 183 20.52 2.41 -3.77
O2P PTR A 183 22.45 3.79 -4.72
O3P PTR A 183 22.89 1.44 -4.09
N THR A 184 20.20 3.06 3.20
CA THR A 184 18.83 3.55 2.96
C THR A 184 18.45 3.31 1.49
N VAL A 185 17.34 2.61 1.25
CA VAL A 185 16.96 2.32 -0.14
C VAL A 185 15.93 3.33 -0.68
N LYS A 186 16.22 3.88 -1.87
CA LYS A 186 15.40 4.86 -2.58
C LYS A 186 14.19 4.24 -3.28
N ASP A 187 14.40 3.17 -4.09
CA ASP A 187 13.32 2.50 -4.82
C ASP A 187 12.96 1.14 -4.22
N ASP A 190 8.30 -2.92 -5.46
CA ASP A 190 7.82 -4.23 -5.05
C ASP A 190 8.80 -4.89 -4.07
N SER A 191 8.54 -4.75 -2.77
CA SER A 191 9.39 -5.27 -1.68
C SER A 191 8.77 -6.50 -0.96
N PRO A 192 9.60 -7.47 -0.46
CA PRO A 192 9.02 -8.60 0.29
C PRO A 192 8.70 -8.18 1.74
N VAL A 193 7.66 -7.33 1.91
CA VAL A 193 7.26 -6.74 3.20
C VAL A 193 7.03 -7.76 4.35
N PHE A 194 6.52 -8.98 4.06
CA PHE A 194 6.28 -9.95 5.13
C PHE A 194 7.61 -10.61 5.67
N TRP A 195 8.76 -10.28 5.06
CA TRP A 195 10.08 -10.75 5.53
C TRP A 195 10.89 -9.57 6.12
N TYR A 196 10.34 -8.33 6.02
CA TYR A 196 11.04 -7.10 6.41
C TYR A 196 10.94 -6.74 7.89
N ALA A 197 12.06 -6.29 8.48
CA ALA A 197 12.12 -5.83 9.87
C ALA A 197 11.41 -4.46 9.97
N PRO A 198 10.97 -4.06 11.18
CA PRO A 198 10.27 -2.75 11.32
C PRO A 198 11.03 -1.55 10.79
N GLU A 199 12.39 -1.49 10.90
CA GLU A 199 13.17 -0.36 10.38
C GLU A 199 13.13 -0.27 8.86
N CYS A 200 13.06 -1.43 8.18
CA CYS A 200 12.98 -1.50 6.73
C CYS A 200 11.63 -0.97 6.29
N LEU A 201 10.56 -1.36 7.02
CA LEU A 201 9.20 -0.94 6.69
C LEU A 201 8.96 0.56 6.95
N MET A 202 9.40 1.05 8.11
CA MET A 202 9.15 2.43 8.52
C MET A 202 10.09 3.48 7.94
N GLN A 203 11.38 3.15 7.77
CA GLN A 203 12.37 4.11 7.32
C GLN A 203 13.22 3.69 6.11
N SER A 204 12.96 2.49 5.53
CA SER A 204 13.73 1.97 4.38
C SER A 204 15.22 1.88 4.70
N LYS A 205 15.52 1.49 5.98
CA LYS A 205 16.89 1.36 6.51
C LYS A 205 17.21 -0.11 6.64
N PHE A 206 18.35 -0.52 6.05
CA PHE A 206 18.76 -1.93 6.00
C PHE A 206 20.11 -2.13 6.67
N TYR A 207 20.07 -2.82 7.82
CA TYR A 207 21.20 -3.13 8.68
C TYR A 207 21.56 -4.62 8.50
N ILE A 208 22.74 -5.05 8.99
CA ILE A 208 23.02 -6.52 9.00
C ILE A 208 21.90 -7.21 9.85
N ALA A 209 21.52 -6.58 10.98
CA ALA A 209 20.46 -7.06 11.87
C ALA A 209 19.10 -7.19 11.17
N SER A 210 18.87 -6.44 10.05
CA SER A 210 17.65 -6.58 9.24
C SER A 210 17.64 -7.94 8.52
N ASP A 211 18.82 -8.39 8.03
CA ASP A 211 18.96 -9.71 7.39
C ASP A 211 18.75 -10.82 8.45
N VAL A 212 19.12 -10.57 9.71
CA VAL A 212 18.86 -11.58 10.75
C VAL A 212 17.34 -11.72 10.96
N TRP A 213 16.63 -10.58 10.94
CA TRP A 213 15.16 -10.62 11.02
C TRP A 213 14.58 -11.46 9.86
N SER A 214 15.03 -11.25 8.60
CA SER A 214 14.59 -12.00 7.41
CA SER A 214 14.56 -12.01 7.43
C SER A 214 14.94 -13.46 7.56
N PHE A 215 16.15 -13.75 8.12
CA PHE A 215 16.56 -15.13 8.38
C PHE A 215 15.52 -15.84 9.31
N GLY A 216 15.07 -15.16 10.39
CA GLY A 216 14.08 -15.71 11.28
C GLY A 216 12.83 -16.17 10.54
N VAL A 217 12.40 -15.36 9.57
CA VAL A 217 11.24 -15.66 8.72
C VAL A 217 11.54 -16.85 7.78
N THR A 218 12.76 -16.91 7.20
CA THR A 218 13.18 -18.02 6.31
C THR A 218 13.25 -19.33 7.15
N LEU A 219 13.70 -19.25 8.43
CA LEU A 219 13.76 -20.42 9.32
C LEU A 219 12.31 -20.94 9.56
N HIS A 220 11.36 -20.01 9.73
CA HIS A 220 9.95 -20.38 9.93
C HIS A 220 9.49 -21.16 8.66
N GLU A 221 9.84 -20.67 7.45
CA GLU A 221 9.49 -21.35 6.19
C GLU A 221 10.09 -22.74 6.12
N LEU A 222 11.39 -22.85 6.45
CA LEU A 222 12.10 -24.12 6.41
C LEU A 222 11.43 -25.15 7.33
N LEU A 223 11.02 -24.71 8.52
CA LEU A 223 10.43 -25.59 9.53
C LEU A 223 9.00 -26.06 9.18
N THR A 224 8.30 -25.32 8.30
CA THR A 224 6.95 -25.66 7.82
C THR A 224 7.03 -26.34 6.44
N TYR A 225 8.26 -26.64 5.96
CA TYR A 225 8.53 -27.24 4.65
C TYR A 225 7.93 -26.37 3.53
N CYS A 226 8.01 -25.03 3.70
CA CYS A 226 7.46 -24.05 2.76
C CYS A 226 5.98 -24.32 2.39
N ASP A 227 5.18 -24.70 3.41
CA ASP A 227 3.74 -24.93 3.23
C ASP A 227 3.10 -23.58 2.88
N SER A 228 2.41 -23.50 1.73
CA SER A 228 1.78 -22.25 1.26
C SER A 228 0.68 -21.72 2.18
N ASP A 229 -0.09 -22.61 2.82
CA ASP A 229 -1.18 -22.21 3.71
C ASP A 229 -0.68 -21.57 5.01
N SER A 230 0.56 -21.86 5.39
CA SER A 230 1.19 -21.30 6.59
C SER A 230 2.41 -20.50 6.20
N SER A 231 2.34 -19.84 5.03
CA SER A 231 3.44 -18.98 4.57
C SER A 231 3.46 -17.71 5.44
N PRO A 232 4.61 -17.01 5.52
CA PRO A 232 4.65 -15.78 6.34
C PRO A 232 3.58 -14.77 5.92
N MET A 233 3.29 -14.65 4.61
CA MET A 233 2.25 -13.80 4.05
C MET A 233 0.86 -14.26 4.55
N ALA A 234 0.53 -15.56 4.41
CA ALA A 234 -0.77 -16.10 4.87
C ALA A 234 -0.98 -15.89 6.37
N LEU A 235 0.07 -16.16 7.18
CA LEU A 235 -0.01 -16.03 8.63
C LEU A 235 -0.16 -14.58 9.10
N PHE A 236 0.62 -13.63 8.52
CA PHE A 236 0.46 -12.22 8.87
C PHE A 236 -0.87 -11.65 8.42
N LEU A 237 -1.38 -12.06 7.24
CA LEU A 237 -2.69 -11.59 6.76
C LEU A 237 -3.82 -12.02 7.69
N LYS A 238 -3.71 -13.21 8.32
CA LYS A 238 -4.71 -13.69 9.28
C LYS A 238 -4.70 -12.81 10.54
N MET A 239 -3.50 -12.36 10.97
CA MET A 239 -3.32 -11.51 12.14
C MET A 239 -3.86 -10.09 11.91
N ILE A 240 -3.67 -9.52 10.69
CA ILE A 240 -4.04 -8.13 10.40
C ILE A 240 -5.42 -7.94 9.71
N GLY A 241 -5.90 -8.97 9.02
CA GLY A 241 -7.13 -8.91 8.25
C GLY A 241 -6.81 -9.07 6.77
N PRO A 242 -7.50 -9.98 6.02
CA PRO A 242 -7.13 -10.19 4.60
C PRO A 242 -7.39 -9.01 3.68
N GLN A 246 -2.84 -0.88 -0.23
CA GLN A 246 -2.14 0.33 0.20
C GLN A 246 -2.03 0.48 1.74
N MET A 247 -2.91 -0.20 2.49
CA MET A 247 -3.01 -0.14 3.95
C MET A 247 -2.38 -1.33 4.71
N THR A 248 -2.00 -2.40 3.98
CA THR A 248 -1.44 -3.63 4.54
C THR A 248 -0.22 -3.38 5.46
N VAL A 249 0.81 -2.66 4.94
CA VAL A 249 2.07 -2.33 5.62
C VAL A 249 1.86 -1.58 6.94
N THR A 250 0.95 -0.58 6.98
CA THR A 250 0.65 0.15 8.22
C THR A 250 0.14 -0.83 9.30
N ARG A 251 -0.80 -1.72 8.93
CA ARG A 251 -1.39 -2.74 9.82
C ARG A 251 -0.32 -3.75 10.27
N LEU A 252 0.62 -4.08 9.36
CA LEU A 252 1.76 -4.95 9.67
C LEU A 252 2.68 -4.27 10.69
N VAL A 253 3.09 -3.00 10.43
CA VAL A 253 3.95 -2.25 11.37
C VAL A 253 3.28 -2.19 12.76
N ASN A 254 1.95 -1.91 12.79
CA ASN A 254 1.21 -1.83 14.08
C ASN A 254 1.24 -3.15 14.83
N THR A 255 1.04 -4.27 14.11
CA THR A 255 1.03 -5.63 14.66
C THR A 255 2.39 -5.94 15.29
N LEU A 256 3.51 -5.55 14.63
CA LEU A 256 4.86 -5.76 15.16
C LEU A 256 5.18 -4.89 16.37
N LYS A 257 4.69 -3.64 16.37
CA LYS A 257 4.85 -2.71 17.50
C LYS A 257 4.13 -3.24 18.75
N GLU A 258 2.99 -3.94 18.55
CA GLU A 258 2.21 -4.56 19.64
C GLU A 258 2.93 -5.79 20.21
N GLY A 259 4.00 -6.22 19.54
CA GLY A 259 4.81 -7.36 19.98
C GLY A 259 4.39 -8.70 19.41
N LYS A 260 3.39 -8.70 18.50
CA LYS A 260 2.91 -9.92 17.84
C LYS A 260 3.94 -10.42 16.84
N ARG A 261 4.10 -11.75 16.78
CA ARG A 261 5.07 -12.40 15.90
C ARG A 261 4.47 -13.67 15.29
N LEU A 262 5.09 -14.21 14.23
CA LEU A 262 4.65 -15.46 13.61
C LEU A 262 4.62 -16.59 14.68
N PRO A 263 3.61 -17.46 14.67
CA PRO A 263 3.53 -18.53 15.70
C PRO A 263 4.56 -19.64 15.53
N CYS A 264 4.76 -20.44 16.58
CA CYS A 264 5.66 -21.59 16.53
C CYS A 264 5.22 -22.58 15.45
N PRO A 265 6.12 -22.97 14.51
CA PRO A 265 5.71 -23.97 13.50
C PRO A 265 5.23 -25.29 14.10
N PRO A 266 4.32 -26.03 13.42
CA PRO A 266 3.90 -27.35 13.94
C PRO A 266 5.10 -28.27 14.10
N ASN A 267 5.15 -29.01 15.23
CA ASN A 267 6.22 -29.95 15.60
C ASN A 267 7.59 -29.31 15.84
N CYS A 268 7.68 -27.96 15.83
CA CYS A 268 8.94 -27.28 16.11
C CYS A 268 9.15 -27.24 17.65
N PRO A 269 10.28 -27.76 18.16
CA PRO A 269 10.53 -27.69 19.62
C PRO A 269 10.67 -26.23 20.09
N ASP A 270 10.23 -25.93 21.33
CA ASP A 270 10.28 -24.55 21.88
C ASP A 270 11.69 -23.94 21.87
N GLU A 271 12.73 -24.77 22.11
CA GLU A 271 14.11 -24.27 22.12
C GLU A 271 14.51 -23.73 20.74
N VAL A 272 13.98 -24.34 19.64
CA VAL A 272 14.26 -23.87 18.27
C VAL A 272 13.52 -22.56 18.05
N TYR A 273 12.21 -22.52 18.41
CA TYR A 273 11.37 -21.32 18.31
C TYR A 273 11.96 -20.15 19.13
N GLN A 274 12.63 -20.42 20.27
CA GLN A 274 13.24 -19.35 21.07
C GLN A 274 14.38 -18.67 20.34
N LEU A 275 15.15 -19.45 19.57
CA LEU A 275 16.24 -18.91 18.74
C LEU A 275 15.66 -18.02 17.62
N MET A 276 14.53 -18.48 17.02
CA MET A 276 13.83 -17.74 15.96
C MET A 276 13.32 -16.42 16.52
N ARG A 277 12.80 -16.42 17.77
CA ARG A 277 12.27 -15.21 18.43
C ARG A 277 13.34 -14.14 18.66
N LYS A 278 14.61 -14.57 18.90
CA LYS A 278 15.75 -13.67 19.06
C LYS A 278 16.08 -12.91 17.77
N CYS A 279 15.59 -13.40 16.60
CA CYS A 279 15.79 -12.71 15.32
C CYS A 279 14.83 -11.55 15.20
N TRP A 280 13.79 -11.57 16.02
CA TRP A 280 12.68 -10.65 15.92
C TRP A 280 12.54 -9.65 17.08
N GLU A 281 13.66 -9.29 17.71
CA GLU A 281 13.61 -8.22 18.73
C GLU A 281 13.25 -6.94 17.95
N PHE A 282 12.31 -6.09 18.46
CA PHE A 282 11.91 -4.88 17.73
C PHE A 282 13.09 -4.02 17.24
N GLN A 283 14.04 -3.72 18.15
CA GLN A 283 15.22 -2.92 17.86
C GLN A 283 16.31 -3.76 17.23
N PRO A 284 16.93 -3.30 16.11
CA PRO A 284 18.00 -4.10 15.48
C PRO A 284 19.19 -4.39 16.40
N SER A 285 19.58 -3.43 17.24
CA SER A 285 20.71 -3.62 18.17
C SER A 285 20.50 -4.75 19.22
N ASN A 286 19.24 -5.15 19.50
CA ASN A 286 18.91 -6.20 20.47
C ASN A 286 18.80 -7.61 19.87
N ARG A 287 18.91 -7.73 18.54
CA ARG A 287 18.79 -9.01 17.85
C ARG A 287 20.03 -9.85 18.01
N THR A 288 19.87 -11.17 17.90
CA THR A 288 20.99 -12.10 17.90
C THR A 288 21.84 -11.88 16.63
N SER A 289 23.10 -12.32 16.69
CA SER A 289 23.99 -12.26 15.52
C SER A 289 23.86 -13.62 14.81
N PHE A 290 24.28 -13.72 13.54
CA PHE A 290 24.33 -15.00 12.84
C PHE A 290 25.28 -15.96 13.56
N GLN A 291 26.42 -15.44 14.12
CA GLN A 291 27.36 -16.31 14.84
C GLN A 291 26.73 -16.97 16.08
N ASN A 292 25.92 -16.22 16.84
CA ASN A 292 25.20 -16.71 18.03
C ASN A 292 24.13 -17.74 17.62
N LEU A 293 23.47 -17.53 16.45
CA LEU A 293 22.49 -18.49 15.94
C LEU A 293 23.19 -19.82 15.59
N ILE A 294 24.34 -19.73 14.91
CA ILE A 294 25.14 -20.92 14.53
C ILE A 294 25.47 -21.71 15.78
N GLU A 295 25.97 -21.02 16.81
CA GLU A 295 26.31 -21.64 18.10
C GLU A 295 25.10 -22.31 18.76
N GLY A 296 23.96 -21.62 18.73
CA GLY A 296 22.69 -22.12 19.26
C GLY A 296 22.23 -23.40 18.58
N PHE A 297 22.25 -23.43 17.25
CA PHE A 297 21.83 -24.61 16.48
C PHE A 297 22.82 -25.76 16.70
N GLU A 298 24.13 -25.45 16.73
CA GLU A 298 25.16 -26.50 16.93
C GLU A 298 24.99 -27.17 18.31
N ALA A 299 24.59 -26.38 19.34
CA ALA A 299 24.32 -26.88 20.71
C ALA A 299 23.14 -27.88 20.70
N LEU A 300 22.12 -27.61 19.86
CA LEU A 300 20.94 -28.46 19.70
C LEU A 300 21.20 -29.71 18.88
N LEU A 301 22.20 -29.66 17.99
CA LEU A 301 22.57 -30.77 17.10
C LEU A 301 23.40 -31.84 17.82
N LYS A 302 23.90 -31.53 19.02
CA LYS A 302 24.72 -32.44 19.85
C LYS A 302 23.86 -33.40 20.66
N VAL B 13 -50.87 7.30 -3.10
CA VAL B 13 -49.62 7.46 -3.84
C VAL B 13 -48.52 8.03 -2.94
N ASP B 14 -47.37 7.34 -2.90
CA ASP B 14 -46.21 7.74 -2.11
C ASP B 14 -45.27 8.53 -3.03
N PRO B 15 -45.06 9.85 -2.78
CA PRO B 15 -44.20 10.66 -3.68
C PRO B 15 -42.71 10.30 -3.67
N THR B 16 -42.30 9.46 -2.71
CA THR B 16 -40.90 9.01 -2.59
C THR B 16 -40.69 7.64 -3.27
N HIS B 17 -41.77 7.04 -3.83
CA HIS B 17 -41.66 5.76 -4.52
CA HIS B 17 -41.68 5.76 -4.52
C HIS B 17 -41.64 6.05 -6.01
N PHE B 18 -40.52 5.75 -6.64
CA PHE B 18 -40.31 5.97 -8.08
C PHE B 18 -40.49 4.63 -8.79
N GLU B 19 -41.53 4.53 -9.63
CA GLU B 19 -41.84 3.31 -10.39
C GLU B 19 -40.83 3.16 -11.52
N LYS B 20 -40.24 1.95 -11.61
CA LYS B 20 -39.24 1.61 -12.64
C LYS B 20 -39.68 1.98 -14.09
N ARG B 21 -40.96 1.72 -14.44
CA ARG B 21 -41.52 1.96 -15.77
C ARG B 21 -41.52 3.45 -16.21
N PHE B 22 -41.44 4.39 -15.26
CA PHE B 22 -41.42 5.82 -15.60
C PHE B 22 -40.06 6.47 -15.42
N LEU B 23 -39.08 5.70 -14.91
CA LEU B 23 -37.72 6.23 -14.67
C LEU B 23 -36.88 6.02 -15.93
N LYS B 24 -36.81 7.06 -16.74
CA LYS B 24 -36.16 6.98 -18.04
C LYS B 24 -34.76 7.57 -18.03
N ARG B 25 -33.78 6.73 -18.37
CA ARG B 25 -32.36 7.08 -18.43
C ARG B 25 -32.08 8.12 -19.50
N ILE B 26 -31.19 9.05 -19.20
CA ILE B 26 -30.75 10.07 -20.16
C ILE B 26 -29.28 9.78 -20.50
N ARG B 27 -28.41 9.75 -19.47
CA ARG B 27 -26.97 9.54 -19.60
C ARG B 27 -26.32 9.35 -18.24
N ASP B 28 -25.07 8.87 -18.25
CA ASP B 28 -24.29 8.74 -17.02
C ASP B 28 -23.75 10.12 -16.61
N LEU B 29 -23.61 10.33 -15.29
CA LEU B 29 -23.01 11.55 -14.79
C LEU B 29 -21.58 11.28 -14.34
N GLY B 30 -21.38 10.14 -13.68
CA GLY B 30 -20.10 9.71 -13.12
C GLY B 30 -20.11 8.26 -12.77
N GLU B 31 -18.92 7.64 -12.75
CA GLU B 31 -18.81 6.22 -12.43
C GLU B 31 -17.68 5.99 -11.47
N GLY B 32 -17.95 5.15 -10.47
CA GLY B 32 -17.00 4.70 -9.47
C GLY B 32 -16.62 3.25 -9.75
N HIS B 33 -15.93 2.62 -8.80
CA HIS B 33 -15.49 1.22 -8.93
C HIS B 33 -16.66 0.26 -8.77
N PHE B 34 -17.61 0.58 -7.87
CA PHE B 34 -18.74 -0.28 -7.51
C PHE B 34 -20.11 0.26 -7.89
N GLY B 35 -20.20 1.58 -8.00
CA GLY B 35 -21.45 2.26 -8.32
C GLY B 35 -21.39 3.25 -9.46
N LYS B 36 -22.54 3.86 -9.75
CA LYS B 36 -22.66 4.83 -10.83
C LYS B 36 -23.76 5.82 -10.48
N VAL B 37 -23.65 7.04 -11.01
CA VAL B 37 -24.72 8.03 -10.88
C VAL B 37 -25.18 8.38 -12.31
N GLU B 38 -26.52 8.34 -12.55
CA GLU B 38 -27.12 8.60 -13.85
C GLU B 38 -28.14 9.72 -13.81
N LEU B 39 -28.22 10.48 -14.93
CA LEU B 39 -29.27 11.48 -15.09
C LEU B 39 -30.44 10.73 -15.72
N CYS B 40 -31.62 10.85 -15.11
CA CYS B 40 -32.87 10.22 -15.57
C CYS B 40 -33.95 11.29 -15.57
N ARG B 41 -35.06 11.06 -16.30
CA ARG B 41 -36.24 11.92 -16.20
C ARG B 41 -37.34 11.00 -15.66
N TYR B 42 -37.97 11.36 -14.52
CA TYR B 42 -39.08 10.55 -14.04
C TYR B 42 -40.29 11.09 -14.80
N ASP B 43 -40.79 10.31 -15.79
CA ASP B 43 -41.79 10.82 -16.72
C ASP B 43 -43.12 10.03 -16.78
N PRO B 44 -43.97 10.08 -15.71
CA PRO B 44 -45.23 9.34 -15.73
C PRO B 44 -46.23 9.74 -16.82
N GLU B 45 -46.13 10.97 -17.32
CA GLU B 45 -47.02 11.47 -18.38
C GLU B 45 -46.54 11.10 -19.78
N GLY B 46 -45.30 10.62 -19.87
CA GLY B 46 -44.67 10.18 -21.12
C GLY B 46 -44.56 11.23 -22.21
N ASP B 47 -44.44 12.51 -21.84
CA ASP B 47 -44.36 13.63 -22.79
C ASP B 47 -43.09 14.48 -22.62
N ASN B 48 -42.10 13.92 -21.90
CA ASN B 48 -40.79 14.51 -21.60
C ASN B 48 -40.90 15.82 -20.79
N THR B 49 -41.87 15.87 -19.85
CA THR B 49 -42.07 17.03 -18.97
C THR B 49 -41.81 16.69 -17.50
N GLY B 50 -41.54 15.41 -17.23
CA GLY B 50 -41.25 14.93 -15.89
C GLY B 50 -40.01 15.57 -15.29
N GLU B 51 -39.81 15.42 -13.99
CA GLU B 51 -38.62 16.07 -13.47
C GLU B 51 -37.36 15.23 -13.68
N GLN B 52 -36.25 15.95 -13.89
CA GLN B 52 -34.91 15.38 -14.02
C GLN B 52 -34.46 15.02 -12.61
N VAL B 53 -33.90 13.82 -12.44
CA VAL B 53 -33.43 13.34 -11.15
C VAL B 53 -32.05 12.67 -11.29
N ALA B 54 -31.25 12.62 -10.21
CA ALA B 54 -29.96 11.91 -10.19
C ALA B 54 -30.25 10.57 -9.57
N VAL B 55 -29.80 9.48 -10.20
CA VAL B 55 -30.06 8.12 -9.73
C VAL B 55 -28.76 7.39 -9.43
N LYS B 56 -28.56 7.01 -8.15
CA LYS B 56 -27.38 6.25 -7.74
C LYS B 56 -27.72 4.75 -7.69
N SER B 57 -26.85 3.93 -8.28
CA SER B 57 -27.11 2.48 -8.26
C SER B 57 -25.78 1.72 -8.23
N LEU B 58 -25.83 0.44 -7.92
CA LEU B 58 -24.62 -0.38 -7.90
C LEU B 58 -24.50 -1.16 -9.18
N LYS B 59 -23.28 -1.48 -9.59
CA LYS B 59 -23.01 -2.34 -10.75
C LYS B 59 -23.45 -3.78 -10.38
N PRO B 60 -23.93 -4.64 -11.32
CA PRO B 60 -24.37 -5.98 -10.91
C PRO B 60 -23.26 -7.02 -10.78
N HIS B 66 -21.74 -4.33 -0.46
CA HIS B 66 -22.08 -3.07 -1.13
C HIS B 66 -23.59 -2.78 -1.15
N ILE B 67 -24.44 -3.80 -1.43
CA ILE B 67 -25.91 -3.65 -1.44
C ILE B 67 -26.41 -3.18 -0.06
N ALA B 68 -25.91 -3.81 1.01
CA ALA B 68 -26.26 -3.48 2.39
C ALA B 68 -25.80 -2.06 2.73
N ASP B 69 -24.60 -1.66 2.26
CA ASP B 69 -24.07 -0.31 2.48
C ASP B 69 -24.94 0.74 1.79
N LEU B 70 -25.42 0.45 0.56
CA LEU B 70 -26.29 1.41 -0.15
C LEU B 70 -27.61 1.60 0.60
N LYS B 71 -28.18 0.52 1.17
CA LYS B 71 -29.43 0.64 1.93
C LYS B 71 -29.25 1.52 3.19
N LYS B 72 -28.09 1.43 3.84
CA LYS B 72 -27.71 2.25 4.99
C LYS B 72 -27.54 3.72 4.56
N GLU B 73 -26.89 3.95 3.41
CA GLU B 73 -26.66 5.30 2.85
C GLU B 73 -28.01 6.01 2.56
N ILE B 74 -28.95 5.26 1.96
CA ILE B 74 -30.30 5.75 1.64
C ILE B 74 -31.00 6.18 2.93
N GLU B 75 -30.91 5.37 4.01
CA GLU B 75 -31.59 5.70 5.26
C GLU B 75 -30.95 6.91 5.94
N ILE B 76 -29.63 7.14 5.73
CA ILE B 76 -28.97 8.34 6.26
C ILE B 76 -29.50 9.57 5.53
N LEU B 77 -29.45 9.57 4.19
CA LEU B 77 -29.81 10.74 3.39
C LEU B 77 -31.27 11.12 3.52
N ARG B 78 -32.15 10.10 3.67
CA ARG B 78 -33.61 10.28 3.85
C ARG B 78 -33.88 11.14 5.09
N ASN B 79 -32.99 11.07 6.08
CA ASN B 79 -33.14 11.78 7.35
C ASN B 79 -32.26 13.03 7.50
N LEU B 80 -31.58 13.48 6.41
CA LEU B 80 -30.80 14.72 6.46
C LEU B 80 -31.58 15.81 5.72
N TYR B 81 -31.75 16.99 6.37
CA TYR B 81 -32.43 18.14 5.75
C TYR B 81 -31.61 19.41 6.00
N HIS B 82 -30.85 19.87 4.98
CA HIS B 82 -30.04 21.08 5.11
C HIS B 82 -29.87 21.71 3.72
N GLU B 83 -29.88 23.05 3.64
CA GLU B 83 -29.73 23.78 2.37
C GLU B 83 -28.42 23.44 1.64
N ASN B 84 -27.38 22.98 2.39
CA ASN B 84 -26.12 22.58 1.74
C ASN B 84 -25.88 21.06 1.74
N ILE B 85 -26.98 20.27 1.75
CA ILE B 85 -26.95 18.81 1.64
C ILE B 85 -27.91 18.44 0.50
N VAL B 86 -27.40 17.72 -0.51
CA VAL B 86 -28.21 17.27 -1.66
C VAL B 86 -29.56 16.66 -1.19
N LYS B 87 -30.65 17.04 -1.84
CA LYS B 87 -31.96 16.56 -1.44
C LYS B 87 -32.27 15.12 -1.82
N TYR B 88 -32.70 14.34 -0.82
CA TYR B 88 -33.22 12.99 -1.03
C TYR B 88 -34.58 13.18 -1.72
N LYS B 89 -34.88 12.35 -2.75
CA LYS B 89 -36.18 12.36 -3.41
C LYS B 89 -36.93 11.07 -3.15
N GLY B 90 -36.23 9.94 -3.20
CA GLY B 90 -36.86 8.65 -2.96
C GLY B 90 -36.07 7.45 -3.41
N ILE B 91 -36.78 6.33 -3.64
CA ILE B 91 -36.17 5.07 -4.05
C ILE B 91 -36.92 4.43 -5.19
N CYS B 92 -36.22 3.55 -5.91
CA CYS B 92 -36.77 2.67 -6.93
C CYS B 92 -36.33 1.26 -6.51
N THR B 93 -37.29 0.39 -6.13
CA THR B 93 -36.96 -0.97 -5.65
C THR B 93 -37.04 -2.00 -6.75
N GLY B 99 -32.29 -5.57 -4.84
CA GLY B 99 -31.91 -4.43 -5.66
C GLY B 99 -32.62 -3.15 -5.31
N ILE B 100 -31.90 -2.01 -5.30
CA ILE B 100 -32.48 -0.70 -4.97
C ILE B 100 -31.72 0.44 -5.67
N LYS B 101 -32.40 1.54 -5.98
CA LYS B 101 -31.77 2.72 -6.57
C LYS B 101 -32.13 3.92 -5.69
N LEU B 102 -31.14 4.79 -5.39
CA LEU B 102 -31.33 6.02 -4.61
C LEU B 102 -31.65 7.18 -5.56
N ILE B 103 -32.77 7.88 -5.34
CA ILE B 103 -33.23 8.98 -6.18
C ILE B 103 -32.99 10.31 -5.48
N MET B 104 -32.26 11.21 -6.14
CA MET B 104 -31.95 12.50 -5.56
C MET B 104 -32.23 13.65 -6.52
N GLU B 105 -32.26 14.87 -6.00
CA GLU B 105 -32.39 16.05 -6.88
C GLU B 105 -31.20 16.12 -7.87
N PHE B 106 -31.42 16.67 -9.08
CA PHE B 106 -30.34 16.79 -10.07
C PHE B 106 -29.74 18.17 -10.05
N LEU B 107 -28.40 18.25 -9.83
CA LEU B 107 -27.67 19.55 -9.82
C LEU B 107 -26.89 19.62 -11.16
N PRO B 108 -27.35 20.42 -12.16
CA PRO B 108 -26.78 20.33 -13.53
C PRO B 108 -25.32 20.72 -13.74
N SER B 109 -24.73 21.45 -12.78
CA SER B 109 -23.35 21.91 -12.92
C SER B 109 -22.27 20.91 -12.47
N GLY B 110 -22.68 19.76 -11.94
CA GLY B 110 -21.77 18.70 -11.54
C GLY B 110 -20.99 18.98 -10.28
N SER B 111 -19.85 18.28 -10.12
CA SER B 111 -19.00 18.44 -8.94
C SER B 111 -18.11 19.67 -9.10
N LEU B 112 -17.52 20.12 -7.97
CA LEU B 112 -16.54 21.21 -7.98
C LEU B 112 -15.36 20.85 -8.83
N LYS B 113 -14.95 19.58 -8.80
CA LYS B 113 -13.80 19.07 -9.54
C LYS B 113 -13.98 19.30 -11.06
N GLU B 114 -15.25 19.25 -11.56
CA GLU B 114 -15.55 19.45 -12.98
CA GLU B 114 -15.56 19.47 -12.98
C GLU B 114 -15.85 20.93 -13.31
N TYR B 115 -16.56 21.64 -12.42
CA TYR B 115 -17.01 23.02 -12.54
C TYR B 115 -15.91 24.05 -12.47
N LEU B 116 -15.12 24.02 -11.38
CA LEU B 116 -14.08 25.02 -11.15
C LEU B 116 -13.13 25.23 -12.34
N PRO B 117 -12.54 24.18 -12.98
CA PRO B 117 -11.57 24.47 -14.08
C PRO B 117 -12.17 25.24 -15.26
N LYS B 118 -13.49 25.12 -15.46
CA LYS B 118 -14.21 25.77 -16.56
C LYS B 118 -14.84 27.10 -16.16
N ASN B 119 -14.74 27.53 -14.87
CA ASN B 119 -15.40 28.76 -14.44
C ASN B 119 -14.52 29.68 -13.57
N LYS B 120 -13.20 29.68 -13.78
CA LYS B 120 -12.29 30.54 -13.03
C LYS B 120 -12.65 32.02 -13.10
N ASN B 121 -13.06 32.52 -14.30
CA ASN B 121 -13.39 33.92 -14.47
C ASN B 121 -14.59 34.41 -13.63
N LYS B 122 -15.54 33.50 -13.35
CA LYS B 122 -16.78 33.74 -12.59
C LYS B 122 -16.61 33.57 -11.07
N ILE B 123 -15.72 32.65 -10.65
CA ILE B 123 -15.48 32.30 -9.26
C ILE B 123 -14.22 32.94 -8.72
N ASN B 124 -14.36 34.12 -8.13
CA ASN B 124 -13.22 34.84 -7.56
C ASN B 124 -13.01 34.39 -6.09
N LEU B 125 -12.06 35.01 -5.38
CA LEU B 125 -11.71 34.64 -3.99
C LEU B 125 -12.94 34.75 -3.04
N LYS B 126 -13.66 35.87 -3.10
CA LYS B 126 -14.89 36.07 -2.34
C LYS B 126 -15.91 34.90 -2.55
N GLN B 127 -16.10 34.42 -3.80
CA GLN B 127 -16.99 33.29 -4.01
C GLN B 127 -16.38 31.98 -3.51
N GLN B 128 -15.03 31.82 -3.61
CA GLN B 128 -14.42 30.60 -3.05
C GLN B 128 -14.63 30.51 -1.53
N LEU B 129 -14.54 31.64 -0.83
CA LEU B 129 -14.75 31.65 0.62
C LEU B 129 -16.18 31.43 1.00
N LYS B 130 -17.15 31.89 0.16
CA LYS B 130 -18.59 31.65 0.41
C LYS B 130 -18.91 30.17 0.22
N TYR B 131 -18.32 29.55 -0.81
CA TYR B 131 -18.43 28.10 -1.04
C TYR B 131 -17.87 27.38 0.21
N ALA B 132 -16.73 27.88 0.77
CA ALA B 132 -16.04 27.26 1.93
C ALA B 132 -16.97 27.29 3.14
N VAL B 133 -17.61 28.45 3.40
CA VAL B 133 -18.60 28.58 4.47
C VAL B 133 -19.75 27.55 4.29
N GLN B 134 -20.30 27.42 3.06
CA GLN B 134 -21.42 26.52 2.76
C GLN B 134 -21.06 25.05 3.01
N ILE B 135 -19.84 24.64 2.61
CA ILE B 135 -19.35 23.27 2.85
C ILE B 135 -19.27 23.07 4.36
N CYS B 136 -18.77 24.06 5.09
CA CYS B 136 -18.69 24.00 6.57
C CYS B 136 -20.04 23.89 7.27
N LYS B 137 -21.05 24.61 6.76
CA LYS B 137 -22.40 24.56 7.32
C LYS B 137 -23.02 23.20 7.12
N GLY B 138 -22.89 22.65 5.91
CA GLY B 138 -23.44 21.34 5.62
C GLY B 138 -22.75 20.28 6.48
N MET B 139 -21.41 20.39 6.60
CA MET B 139 -20.63 19.46 7.40
C MET B 139 -20.94 19.57 8.89
N ASP B 140 -21.13 20.81 9.40
CA ASP B 140 -21.47 21.02 10.82
C ASP B 140 -22.81 20.39 11.17
N TYR B 141 -23.77 20.48 10.23
CA TYR B 141 -25.08 19.85 10.39
C TYR B 141 -24.91 18.32 10.46
N LEU B 142 -24.12 17.73 9.55
CA LEU B 142 -23.87 16.27 9.55
C LEU B 142 -23.30 15.82 10.92
N GLY B 143 -22.31 16.55 11.43
CA GLY B 143 -21.75 16.28 12.75
C GLY B 143 -22.74 16.40 13.89
N SER B 144 -23.65 17.40 13.84
CA SER B 144 -24.69 17.58 14.87
C SER B 144 -25.66 16.39 14.91
N ARG B 145 -25.77 15.64 13.79
CA ARG B 145 -26.60 14.43 13.64
C ARG B 145 -25.77 13.18 14.00
N GLN B 146 -24.55 13.37 14.55
CA GLN B 146 -23.61 12.31 15.00
C GLN B 146 -23.11 11.40 13.85
N TYR B 147 -22.82 12.00 12.70
CA TYR B 147 -22.25 11.21 11.59
C TYR B 147 -20.88 11.76 11.20
N VAL B 148 -19.98 10.85 10.76
CA VAL B 148 -18.64 11.21 10.23
C VAL B 148 -18.67 10.81 8.75
N HIS B 149 -18.39 11.77 7.84
CA HIS B 149 -18.47 11.60 6.39
C HIS B 149 -17.43 10.64 5.80
N ARG B 150 -16.16 10.79 6.25
CA ARG B 150 -14.99 9.99 5.83
C ARG B 150 -14.52 10.19 4.35
N ASP B 151 -15.26 10.96 3.53
CA ASP B 151 -14.94 11.08 2.11
C ASP B 151 -15.10 12.53 1.57
N LEU B 152 -14.83 13.52 2.43
CA LEU B 152 -14.98 14.91 1.99
C LEU B 152 -13.85 15.36 1.03
N ALA B 153 -14.20 15.61 -0.24
CA ALA B 153 -13.28 16.03 -1.30
C ALA B 153 -14.12 16.78 -2.37
N ALA B 154 -13.46 17.64 -3.17
CA ALA B 154 -14.14 18.41 -4.22
C ALA B 154 -15.04 17.57 -5.13
N ARG B 155 -14.65 16.32 -5.43
CA ARG B 155 -15.47 15.39 -6.25
C ARG B 155 -16.86 15.07 -5.64
N ASN B 156 -17.03 15.32 -4.34
CA ASN B 156 -18.28 15.05 -3.62
C ASN B 156 -19.08 16.28 -3.30
N VAL B 157 -18.61 17.44 -3.77
CA VAL B 157 -19.33 18.69 -3.51
C VAL B 157 -19.93 19.08 -4.84
N LEU B 158 -21.27 19.20 -4.89
CA LEU B 158 -21.98 19.51 -6.12
C LEU B 158 -22.30 20.99 -6.21
N VAL B 159 -22.38 21.50 -7.45
CA VAL B 159 -22.63 22.91 -7.71
C VAL B 159 -24.08 23.10 -8.10
N GLU B 160 -24.83 23.81 -7.26
CA GLU B 160 -26.26 24.12 -7.51
C GLU B 160 -26.32 25.33 -8.47
N SER B 161 -25.40 26.30 -8.25
CA SER B 161 -25.25 27.51 -9.07
C SER B 161 -23.92 28.16 -8.75
N GLU B 162 -23.61 29.33 -9.37
CA GLU B 162 -22.36 30.04 -9.06
C GLU B 162 -22.41 30.61 -7.62
N HIS B 163 -23.59 30.54 -6.97
CA HIS B 163 -23.74 31.05 -5.62
C HIS B 163 -23.99 29.98 -4.56
N GLN B 164 -24.10 28.71 -4.94
CA GLN B 164 -24.42 27.66 -3.96
C GLN B 164 -23.89 26.28 -4.29
N VAL B 165 -23.31 25.64 -3.25
CA VAL B 165 -22.80 24.27 -3.30
C VAL B 165 -23.53 23.38 -2.30
N LYS B 166 -23.47 22.06 -2.51
CA LYS B 166 -24.08 21.10 -1.58
C LYS B 166 -23.21 19.88 -1.45
N ILE B 167 -23.15 19.29 -0.25
CA ILE B 167 -22.46 17.98 -0.06
C ILE B 167 -23.37 16.96 -0.81
N GLY B 168 -22.80 16.23 -1.75
CA GLY B 168 -23.58 15.40 -2.68
C GLY B 168 -23.48 13.91 -2.68
N ASP B 169 -22.75 13.32 -1.71
CA ASP B 169 -22.60 11.88 -1.61
C ASP B 169 -22.33 11.53 -0.16
N PHE B 170 -22.89 10.38 0.28
CA PHE B 170 -22.76 9.90 1.67
C PHE B 170 -22.38 8.41 1.70
N GLY B 171 -21.76 7.93 0.63
CA GLY B 171 -21.33 6.54 0.45
C GLY B 171 -20.48 5.90 1.54
N LEU B 172 -19.67 6.70 2.28
CA LEU B 172 -18.77 6.20 3.36
C LEU B 172 -19.18 6.66 4.76
N THR B 173 -20.29 7.42 4.88
CA THR B 173 -20.78 8.01 6.14
C THR B 173 -21.12 6.95 7.22
N LYS B 174 -20.64 7.17 8.44
CA LYS B 174 -20.84 6.29 9.60
C LYS B 174 -21.41 7.05 10.77
N ALA B 175 -22.20 6.36 11.61
CA ALA B 175 -22.72 6.98 12.84
C ALA B 175 -21.69 6.77 13.93
N ILE B 176 -21.38 7.83 14.70
CA ILE B 176 -20.51 7.73 15.87
C ILE B 176 -21.46 7.42 17.05
N GLU B 177 -21.17 6.33 17.80
CA GLU B 177 -21.94 5.93 18.99
C GLU B 177 -22.07 7.10 19.95
N THR B 178 -23.21 7.20 20.67
CA THR B 178 -23.40 8.24 21.69
C THR B 178 -22.30 8.07 22.76
N ASP B 179 -21.72 9.18 23.21
CA ASP B 179 -20.67 9.25 24.23
C ASP B 179 -19.30 8.72 23.74
N LYS B 180 -19.20 8.36 22.45
CA LYS B 180 -17.91 7.96 21.84
C LYS B 180 -17.42 9.11 20.97
N GLU B 181 -16.10 9.14 20.70
CA GLU B 181 -15.49 10.22 19.90
C GLU B 181 -15.21 9.81 18.48
N PTR B 182 -15.17 8.49 18.20
CA PTR B 182 -14.85 8.01 16.85
C PTR B 182 -15.51 6.69 16.46
O PTR B 182 -16.01 5.97 17.34
CB PTR B 182 -13.30 7.80 16.77
CG PTR B 182 -12.74 6.79 17.75
CD1 PTR B 182 -12.30 7.18 19.00
CD2 PTR B 182 -12.64 5.45 17.41
CE1 PTR B 182 -11.82 6.27 19.92
CE2 PTR B 182 -12.16 4.52 18.31
CZ PTR B 182 -11.74 4.93 19.57
OH PTR B 182 -11.25 3.95 20.47
P PTR B 182 -10.42 4.25 21.79
O1P PTR B 182 -11.42 4.74 22.81
O2P PTR B 182 -9.28 5.26 21.52
O3P PTR B 182 -9.90 2.87 22.25
N PTR B 183 -15.49 6.39 15.14
CA PTR B 183 -15.93 5.13 14.55
C PTR B 183 -14.69 4.44 13.94
O PTR B 183 -13.92 5.10 13.23
CB PTR B 183 -17.01 5.32 13.45
CG PTR B 183 -17.66 4.02 13.03
CD1 PTR B 183 -17.16 3.27 11.98
CD2 PTR B 183 -18.75 3.52 13.74
CE1 PTR B 183 -17.70 2.04 11.64
CE2 PTR B 183 -19.31 2.29 13.41
CZ PTR B 183 -18.79 1.56 12.35
OH PTR B 183 -19.38 0.30 12.08
P PTR B 183 -19.78 -0.28 10.67
O1P PTR B 183 -20.78 0.71 10.08
O2P PTR B 183 -20.57 -1.59 10.97
O3P PTR B 183 -18.53 -0.52 9.80
N THR B 184 -14.47 3.14 14.23
CA THR B 184 -13.34 2.40 13.67
C THR B 184 -13.81 1.64 12.43
N VAL B 185 -13.17 1.89 11.28
CA VAL B 185 -13.60 1.22 10.04
C VAL B 185 -12.75 -0.04 9.75
N LYS B 186 -13.45 -1.19 9.61
CA LYS B 186 -12.88 -2.50 9.33
C LYS B 186 -12.62 -2.64 7.84
N SER B 191 -9.47 3.60 -0.20
CA SER B 191 -9.50 4.79 0.65
C SER B 191 -8.84 6.02 0.03
N PRO B 192 -9.44 7.23 0.18
CA PRO B 192 -8.80 8.46 -0.37
C PRO B 192 -7.70 8.93 0.60
N VAL B 193 -6.58 8.17 0.64
CA VAL B 193 -5.51 8.39 1.61
C VAL B 193 -4.92 9.81 1.62
N PHE B 194 -4.86 10.52 0.47
CA PHE B 194 -4.32 11.87 0.42
C PHE B 194 -5.26 12.94 1.07
N TRP B 195 -6.47 12.53 1.50
CA TRP B 195 -7.43 13.41 2.19
C TRP B 195 -7.59 13.00 3.67
N TYR B 196 -6.93 11.89 4.09
CA TYR B 196 -7.08 11.32 5.44
C TYR B 196 -6.14 11.89 6.51
N ALA B 197 -6.71 12.13 7.71
CA ALA B 197 -5.97 12.61 8.87
C ALA B 197 -5.06 11.49 9.42
N PRO B 198 -3.98 11.83 10.17
CA PRO B 198 -3.07 10.78 10.67
C PRO B 198 -3.75 9.63 11.42
N GLU B 199 -4.80 9.91 12.25
CA GLU B 199 -5.48 8.84 13.00
C GLU B 199 -6.26 7.86 12.09
N CYS B 200 -6.76 8.36 10.95
CA CYS B 200 -7.45 7.54 9.95
C CYS B 200 -6.46 6.62 9.29
N LEU B 201 -5.28 7.15 8.94
CA LEU B 201 -4.24 6.36 8.29
C LEU B 201 -3.63 5.32 9.26
N MET B 202 -3.31 5.74 10.48
CA MET B 202 -2.63 4.84 11.44
C MET B 202 -3.51 3.83 12.17
N GLN B 203 -4.74 4.21 12.53
CA GLN B 203 -5.62 3.36 13.34
C GLN B 203 -7.02 3.13 12.77
N SER B 204 -7.32 3.70 11.57
CA SER B 204 -8.66 3.58 10.95
C SER B 204 -9.74 4.14 11.90
N LYS B 205 -9.39 5.21 12.64
CA LYS B 205 -10.31 5.86 13.58
C LYS B 205 -10.83 7.13 12.92
N PHE B 206 -12.17 7.31 12.92
CA PHE B 206 -12.77 8.47 12.27
C PHE B 206 -13.55 9.30 13.26
N TYR B 207 -13.07 10.52 13.48
CA TYR B 207 -13.63 11.50 14.42
C TYR B 207 -14.30 12.60 13.59
N ILE B 208 -15.14 13.44 14.22
CA ILE B 208 -15.64 14.65 13.55
C ILE B 208 -14.40 15.48 13.08
N ALA B 209 -13.37 15.57 13.96
CA ALA B 209 -12.13 16.31 13.64
C ALA B 209 -11.38 15.74 12.42
N SER B 210 -11.64 14.45 12.06
CA SER B 210 -11.06 13.84 10.88
C SER B 210 -11.71 14.47 9.63
N ASP B 211 -13.04 14.80 9.68
CA ASP B 211 -13.71 15.46 8.55
C ASP B 211 -13.18 16.91 8.44
N VAL B 212 -12.81 17.53 9.59
CA VAL B 212 -12.22 18.89 9.60
C VAL B 212 -10.88 18.82 8.82
N TRP B 213 -10.06 17.77 9.05
CA TRP B 213 -8.80 17.59 8.31
C TRP B 213 -9.08 17.49 6.80
N SER B 214 -10.07 16.63 6.43
CA SER B 214 -10.47 16.43 5.03
CA SER B 214 -10.47 16.41 5.04
C SER B 214 -10.97 17.71 4.45
N PHE B 215 -11.68 18.51 5.25
CA PHE B 215 -12.15 19.81 4.76
C PHE B 215 -10.97 20.72 4.35
N GLY B 216 -9.89 20.74 5.14
CA GLY B 216 -8.72 21.54 4.81
C GLY B 216 -8.15 21.20 3.44
N VAL B 217 -8.15 19.89 3.12
CA VAL B 217 -7.64 19.38 1.84
C VAL B 217 -8.63 19.80 0.72
N THR B 218 -9.95 19.74 1.01
CA THR B 218 -10.98 20.19 0.07
C THR B 218 -10.87 21.69 -0.19
N LEU B 219 -10.58 22.48 0.85
CA LEU B 219 -10.37 23.93 0.72
C LEU B 219 -9.16 24.23 -0.18
N HIS B 220 -8.07 23.42 -0.05
CA HIS B 220 -6.86 23.59 -0.87
C HIS B 220 -7.31 23.35 -2.31
N GLU B 221 -8.12 22.29 -2.55
CA GLU B 221 -8.59 22.01 -3.92
C GLU B 221 -9.41 23.18 -4.49
N LEU B 222 -10.35 23.71 -3.70
CA LEU B 222 -11.21 24.83 -4.11
C LEU B 222 -10.37 26.05 -4.49
N LEU B 223 -9.33 26.36 -3.70
CA LEU B 223 -8.51 27.53 -3.95
C LEU B 223 -7.58 27.37 -5.19
N THR B 224 -7.31 26.12 -5.63
CA THR B 224 -6.49 25.83 -6.83
C THR B 224 -7.39 25.54 -8.05
N TYR B 225 -8.73 25.74 -7.89
CA TYR B 225 -9.72 25.47 -8.94
C TYR B 225 -9.63 24.02 -9.40
N CYS B 226 -9.32 23.10 -8.46
CA CYS B 226 -9.16 21.66 -8.73
C CYS B 226 -8.21 21.36 -9.88
N ASP B 227 -7.09 22.11 -9.91
CA ASP B 227 -6.06 21.90 -10.92
C ASP B 227 -5.48 20.50 -10.67
N SER B 228 -5.47 19.63 -11.70
CA SER B 228 -4.93 18.27 -11.54
C SER B 228 -3.42 18.21 -11.26
N ASP B 229 -2.63 19.14 -11.81
CA ASP B 229 -1.17 19.17 -11.61
C ASP B 229 -0.77 19.56 -10.17
N SER B 230 -1.67 20.20 -9.42
CA SER B 230 -1.43 20.58 -8.02
C SER B 230 -2.52 19.98 -7.13
N SER B 231 -2.97 18.78 -7.49
CA SER B 231 -3.95 18.05 -6.70
C SER B 231 -3.26 17.57 -5.42
N PRO B 232 -4.02 17.32 -4.32
CA PRO B 232 -3.39 16.84 -3.09
C PRO B 232 -2.51 15.60 -3.31
N MET B 233 -2.95 14.67 -4.19
CA MET B 233 -2.19 13.47 -4.55
C MET B 233 -0.87 13.85 -5.23
N ALA B 234 -0.91 14.74 -6.26
CA ALA B 234 0.31 15.18 -6.97
C ALA B 234 1.29 15.86 -6.03
N LEU B 235 0.79 16.78 -5.18
CA LEU B 235 1.61 17.52 -4.23
C LEU B 235 2.23 16.64 -3.17
N PHE B 236 1.47 15.70 -2.56
CA PHE B 236 2.05 14.78 -1.57
C PHE B 236 3.06 13.81 -2.20
N LEU B 237 2.78 13.32 -3.43
CA LEU B 237 3.70 12.42 -4.13
C LEU B 237 5.05 13.09 -4.42
N LYS B 238 5.05 14.42 -4.67
CA LYS B 238 6.30 15.17 -4.89
C LYS B 238 7.11 15.22 -3.56
N MET B 239 6.41 15.37 -2.42
CA MET B 239 6.99 15.41 -1.08
C MET B 239 7.59 14.07 -0.64
N ILE B 240 6.90 12.95 -0.93
CA ILE B 240 7.30 11.60 -0.48
C ILE B 240 8.10 10.76 -1.51
N GLY B 241 8.00 11.09 -2.79
CA GLY B 241 8.61 10.31 -3.86
C GLY B 241 7.50 9.63 -4.65
N PRO B 242 7.41 9.83 -5.99
CA PRO B 242 6.29 9.24 -6.75
C PRO B 242 6.28 7.72 -6.87
N GLN B 246 2.52 -0.06 -2.14
CA GLN B 246 2.37 -0.60 -0.78
C GLN B 246 3.05 0.24 0.31
N MET B 247 4.06 1.05 -0.06
CA MET B 247 4.83 1.88 0.89
C MET B 247 4.40 3.37 0.93
N THR B 248 3.48 3.77 0.02
CA THR B 248 2.95 5.13 -0.11
C THR B 248 2.48 5.71 1.25
N VAL B 249 1.53 5.03 1.91
CA VAL B 249 0.90 5.42 3.18
C VAL B 249 1.93 5.56 4.31
N THR B 250 2.91 4.64 4.44
CA THR B 250 3.91 4.76 5.51
C THR B 250 4.69 6.05 5.34
N ARG B 251 5.08 6.35 4.10
CA ARG B 251 5.85 7.55 3.76
C ARG B 251 5.00 8.81 3.92
N LEU B 252 3.68 8.71 3.66
CA LEU B 252 2.73 9.81 3.89
C LEU B 252 2.62 10.08 5.40
N VAL B 253 2.41 9.01 6.23
CA VAL B 253 2.33 9.12 7.69
C VAL B 253 3.61 9.77 8.24
N ASN B 254 4.80 9.33 7.74
CA ASN B 254 6.07 9.89 8.21
C ASN B 254 6.20 11.38 7.92
N THR B 255 5.80 11.80 6.71
CA THR B 255 5.83 13.17 6.23
C THR B 255 4.93 14.05 7.12
N LEU B 256 3.74 13.54 7.49
CA LEU B 256 2.82 14.26 8.40
C LEU B 256 3.35 14.33 9.85
N LYS B 257 4.00 13.26 10.34
CA LYS B 257 4.62 13.25 11.68
C LYS B 257 5.74 14.29 11.75
N GLU B 258 6.47 14.49 10.64
CA GLU B 258 7.56 15.47 10.52
C GLU B 258 7.05 16.93 10.56
N GLY B 259 5.72 17.11 10.39
CA GLY B 259 5.09 18.42 10.43
C GLY B 259 4.87 19.04 9.06
N LYS B 260 5.19 18.29 7.99
CA LYS B 260 5.06 18.76 6.62
C LYS B 260 3.57 18.79 6.22
N ARG B 261 3.17 19.81 5.47
CA ARG B 261 1.77 19.96 5.04
C ARG B 261 1.74 20.47 3.58
N LEU B 262 0.57 20.38 2.92
CA LEU B 262 0.39 20.91 1.58
C LEU B 262 0.73 22.40 1.56
N PRO B 263 1.40 22.91 0.50
CA PRO B 263 1.79 24.33 0.50
C PRO B 263 0.62 25.30 0.25
N CYS B 264 0.85 26.59 0.49
CA CYS B 264 -0.14 27.65 0.21
C CYS B 264 -0.50 27.65 -1.26
N PRO B 265 -1.82 27.57 -1.61
CA PRO B 265 -2.22 27.63 -3.02
C PRO B 265 -1.77 28.95 -3.68
N PRO B 266 -1.54 28.98 -5.02
CA PRO B 266 -1.15 30.23 -5.67
C PRO B 266 -2.20 31.32 -5.47
N ASN B 267 -1.75 32.55 -5.16
CA ASN B 267 -2.60 33.73 -4.92
C ASN B 267 -3.52 33.62 -3.69
N CYS B 268 -3.33 32.59 -2.85
CA CYS B 268 -4.13 32.45 -1.63
C CYS B 268 -3.52 33.37 -0.55
N PRO B 269 -4.29 34.34 0.01
CA PRO B 269 -3.76 35.19 1.09
C PRO B 269 -3.36 34.36 2.31
N ASP B 270 -2.30 34.76 3.03
CA ASP B 270 -1.81 34.06 4.25
C ASP B 270 -2.88 33.81 5.32
N GLU B 271 -3.80 34.79 5.50
CA GLU B 271 -4.90 34.69 6.47
C GLU B 271 -5.80 33.48 6.15
N VAL B 272 -6.05 33.21 4.85
CA VAL B 272 -6.86 32.08 4.43
C VAL B 272 -6.07 30.78 4.68
N TYR B 273 -4.77 30.77 4.29
CA TYR B 273 -3.88 29.60 4.51
C TYR B 273 -3.76 29.26 6.00
N GLN B 274 -3.75 30.26 6.89
CA GLN B 274 -3.66 30.01 8.33
C GLN B 274 -4.89 29.26 8.85
N LEU B 275 -6.07 29.59 8.33
CA LEU B 275 -7.30 28.88 8.68
C LEU B 275 -7.23 27.42 8.19
N MET B 276 -6.68 27.21 6.98
CA MET B 276 -6.49 25.86 6.42
C MET B 276 -5.54 25.07 7.34
N ARG B 277 -4.44 25.70 7.82
CA ARG B 277 -3.44 25.06 8.69
C ARG B 277 -4.03 24.57 10.02
N LYS B 278 -5.07 25.26 10.52
CA LYS B 278 -5.83 24.92 11.72
C LYS B 278 -6.64 23.60 11.57
N CYS B 279 -6.87 23.14 10.32
CA CYS B 279 -7.55 21.87 10.03
C CYS B 279 -6.57 20.70 10.10
N TRP B 280 -5.25 21.01 10.12
CA TRP B 280 -4.20 19.98 10.01
C TRP B 280 -3.28 19.86 11.23
N GLU B 281 -3.79 20.22 12.43
CA GLU B 281 -3.04 19.99 13.68
C GLU B 281 -2.95 18.47 13.80
N PHE B 282 -1.77 17.90 14.13
CA PHE B 282 -1.60 16.43 14.19
C PHE B 282 -2.67 15.71 15.01
N GLN B 283 -2.94 16.19 16.24
CA GLN B 283 -3.93 15.59 17.11
C GLN B 283 -5.33 16.07 16.74
N PRO B 284 -6.30 15.14 16.56
CA PRO B 284 -7.68 15.57 16.27
C PRO B 284 -8.24 16.59 17.28
N SER B 285 -7.98 16.38 18.61
CA SER B 285 -8.48 17.26 19.67
C SER B 285 -7.99 18.73 19.61
N ASN B 286 -6.92 19.03 18.84
CA ASN B 286 -6.39 20.40 18.69
C ASN B 286 -6.90 21.17 17.45
N ARG B 287 -7.58 20.47 16.53
CA ARG B 287 -8.10 21.05 15.31
C ARG B 287 -9.20 22.05 15.55
N THR B 288 -9.36 22.99 14.61
CA THR B 288 -10.44 23.95 14.63
C THR B 288 -11.77 23.19 14.46
N SER B 289 -12.87 23.77 14.96
CA SER B 289 -14.20 23.21 14.72
C SER B 289 -14.65 23.80 13.39
N PHE B 290 -15.72 23.26 12.81
CA PHE B 290 -16.35 23.83 11.62
C PHE B 290 -16.90 25.22 11.94
N GLN B 291 -17.49 25.40 13.16
CA GLN B 291 -18.05 26.71 13.55
C GLN B 291 -16.99 27.81 13.60
N ASN B 292 -15.79 27.48 14.12
CA ASN B 292 -14.69 28.44 14.19
C ASN B 292 -14.25 28.80 12.77
N LEU B 293 -14.23 27.81 11.85
CA LEU B 293 -13.88 28.08 10.44
C LEU B 293 -14.90 29.04 9.80
N ILE B 294 -16.20 28.82 10.04
CA ILE B 294 -17.27 29.68 9.48
C ILE B 294 -17.04 31.11 9.95
N GLU B 295 -16.81 31.30 11.25
CA GLU B 295 -16.57 32.64 11.82
C GLU B 295 -15.32 33.31 11.24
N GLY B 296 -14.26 32.53 11.06
CA GLY B 296 -12.99 32.98 10.48
C GLY B 296 -13.16 33.49 9.05
N PHE B 297 -13.90 32.72 8.23
CA PHE B 297 -14.18 33.08 6.85
C PHE B 297 -15.13 34.28 6.78
N GLU B 298 -16.16 34.33 7.64
CA GLU B 298 -17.10 35.47 7.66
C GLU B 298 -16.38 36.78 7.99
N ALA B 299 -15.38 36.72 8.89
CA ALA B 299 -14.56 37.90 9.25
C ALA B 299 -13.75 38.41 8.05
N LEU B 300 -13.26 37.50 7.18
CA LEU B 300 -12.47 37.85 5.99
C LEU B 300 -13.36 38.39 4.89
N LEU B 301 -14.64 37.95 4.86
CA LEU B 301 -15.61 38.36 3.85
C LEU B 301 -16.18 39.75 4.10
N LYS B 302 -16.12 40.24 5.36
CA LYS B 302 -16.62 41.56 5.79
C LYS B 302 -15.72 42.72 5.31
C4 KF1 C . 15.79 -14.14 -9.67
C14 KF1 C . 16.85 -22.31 -9.85
C5 KF1 C . 15.15 -13.27 -10.50
C6 KF1 C . 14.18 -13.73 -11.39
C11 KF1 C . 14.20 -19.62 -9.59
C7 KF1 C . 13.84 -15.06 -11.42
C8 KF1 C . 14.47 -15.99 -10.55
C9 KF1 C . 14.11 -17.37 -10.52
C10 KF1 C . 14.70 -18.24 -9.63
C12 KF1 C . 14.87 -20.88 -9.57
C13 KF1 C . 13.84 -21.85 -9.41
N1 KF1 C . 12.88 -19.83 -9.45
N2 KF1 C . 16.27 -21.07 -9.69
C3 KF1 C . 15.47 -15.52 -9.65
N3 KF1 C . 20.46 -23.13 -10.18
O1 KF1 C . 16.20 -23.35 -9.94
C15 KF1 C . 18.33 -22.32 -9.94
C17 KF1 C . 19.22 -21.23 -9.90
N5 KF1 C . 19.00 -19.90 -9.70
C18 KF1 C . 20.09 -19.14 -9.64
C19 KF1 C . 21.41 -19.63 -9.76
C20 KF1 C . 21.59 -20.95 -9.97
N4 KF1 C . 20.47 -21.75 -10.04
C16 KF1 C . 19.17 -23.45 -10.10
N KF1 C . 12.69 -21.16 -9.34
C1 KF1 C . 15.71 -17.75 -8.76
O KF1 C . 16.26 -18.70 -7.93
C KF1 C . 17.26 -18.28 -7.01
C2 KF1 C . 16.07 -16.43 -8.77
C1 GOL D . -17.16 10.36 -6.08
O1 GOL D . -18.00 9.76 -5.11
C2 GOL D . -16.88 9.40 -7.22
O2 GOL D . -16.59 8.10 -6.71
C3 GOL D . -15.68 9.89 -8.01
O3 GOL D . -16.01 11.02 -8.80
C4 KF1 E . -20.87 8.15 -6.23
C14 KF1 E . -23.43 14.68 -10.50
C5 KF1 E . -20.63 6.85 -6.60
C6 KF1 E . -20.36 6.54 -7.93
C11 KF1 E . -20.54 12.27 -10.17
C7 KF1 E . -20.34 7.52 -8.88
C8 KF1 E . -20.58 8.88 -8.54
C9 KF1 E . -20.54 9.92 -9.49
C10 KF1 E . -20.71 11.24 -9.12
C12 KF1 E . -21.35 13.36 -10.57
C13 KF1 E . -20.61 14.04 -11.61
N1 KF1 E . -19.41 12.29 -10.90
N2 KF1 E . -22.61 13.70 -10.01
C3 KF1 E . -20.84 9.19 -7.18
N3 KF1 E . -26.73 15.81 -9.19
O1 KF1 E . -23.15 15.35 -11.49
C15 KF1 E . -24.71 14.91 -9.76
C17 KF1 E . -25.19 14.21 -8.63
N5 KF1 E . -24.64 13.21 -7.89
C18 KF1 E . -25.32 12.87 -6.81
C19 KF1 E . -26.54 13.46 -6.41
C20 KF1 E . -27.07 14.43 -7.18
N4 KF1 E . -26.38 14.80 -8.31
C16 KF1 E . -25.71 15.86 -10.04
N KF1 E . -19.47 13.35 -11.74
C1 KF1 E . -20.98 11.54 -7.77
O KF1 E . -21.17 12.87 -7.51
C KF1 E . -21.38 13.26 -6.14
C2 KF1 E . -21.03 10.56 -6.82
#